data_4F6M
#
_entry.id   4F6M
#
_cell.length_a   44.760
_cell.length_b   185.180
_cell.length_c   112.260
_cell.angle_alpha   90.00
_cell.angle_beta   90.00
_cell.angle_gamma   90.00
#
_symmetry.space_group_name_H-M   'C 2 2 2'
#
loop_
_entity.id
_entity.type
_entity.pdbx_description
1 polymer 'Transcriptional regulator Kaiso'
2 polymer "DNA (5'-D(*GP*TP*GP*CP*TP*TP*CP*CP*TP*GP*CP*CP*AP*AP*TP*AP*AP*CP*G)-3')"
3 polymer "DNA (5'-D(*CP*GP*TP*TP*AP*TP*TP*GP*GP*CP*AP*GP*GP*AP*AP*GP*CP*AP*C)-3')"
4 non-polymer 'ZINC ION'
5 water water
#
loop_
_entity_poly.entity_id
_entity_poly.type
_entity_poly.pdbx_seq_one_letter_code
_entity_poly.pdbx_strand_id
1 'polypeptide(L)'
;ANKRMKVKHDDHYELIVDGRVYYICIVCKRSYVCLTSLRRHFNIHSWEKKYPCRYCEKVFPLAEYRTKHEIHHTGERRYQ
CLACGKSFINYQFMSSHIKSVHSQDPSGDSKLYRLHPCRSLQIRQYAYLSDRS
;
A
2 'polydeoxyribonucleotide' (DG)(DT)(DG)(DC)(DT)(DT)(DC)(DC)(DT)(DG)(DC)(DC)(DA)(DA)(DT)(DA)(DA)(DC)(DG) D
3 'polydeoxyribonucleotide' (DC)(DG)(DT)(DT)(DA)(DT)(DT)(DG)(DG)(DC)(DA)(DG)(DG)(DA)(DA)(DG)(DC)(DA)(DC) E
#
# COMPACT_ATOMS: atom_id res chain seq x y z
N ASP A 11 -13.52 -2.36 -17.55
CA ASP A 11 -14.33 -3.33 -18.37
C ASP A 11 -14.03 -4.76 -17.91
N HIS A 12 -15.10 -5.53 -17.75
CA HIS A 12 -15.06 -6.74 -16.94
C HIS A 12 -16.27 -7.59 -17.29
N TYR A 13 -16.37 -8.75 -16.65
CA TYR A 13 -17.61 -9.48 -16.60
C TYR A 13 -17.81 -10.02 -15.18
N GLU A 14 -19.04 -10.38 -14.84
CA GLU A 14 -19.38 -10.87 -13.50
C GLU A 14 -19.47 -12.38 -13.44
N LEU A 15 -19.08 -12.94 -12.29
CA LEU A 15 -19.09 -14.37 -12.08
C LEU A 15 -19.79 -14.62 -10.75
N ILE A 16 -21.03 -15.09 -10.78
CA ILE A 16 -21.75 -15.36 -9.56
C ILE A 16 -21.67 -16.83 -9.19
N VAL A 17 -21.06 -17.10 -8.04
CA VAL A 17 -20.88 -18.44 -7.50
C VAL A 17 -21.60 -18.49 -6.16
N ASP A 18 -22.24 -19.62 -5.86
CA ASP A 18 -23.23 -19.75 -4.76
C ASP A 18 -23.39 -18.49 -3.91
N GLY A 19 -24.21 -17.56 -4.39
CA GLY A 19 -24.49 -16.30 -3.68
C GLY A 19 -23.57 -15.11 -3.98
N ARG A 20 -22.26 -15.32 -3.99
CA ARG A 20 -21.27 -14.24 -4.11
C ARG A 20 -21.01 -13.70 -5.51
N VAL A 21 -20.82 -12.40 -5.63
CA VAL A 21 -20.50 -11.78 -6.92
C VAL A 21 -18.99 -11.53 -7.01
N TYR A 22 -18.42 -11.80 -8.18
CA TYR A 22 -17.03 -11.44 -8.44
C TYR A 22 -16.98 -10.64 -9.74
N TYR A 23 -15.99 -9.75 -9.84
CA TYR A 23 -15.78 -8.99 -11.06
C TYR A 23 -14.46 -9.44 -11.65
N ILE A 24 -14.49 -9.90 -12.89
CA ILE A 24 -13.32 -10.43 -13.56
C ILE A 24 -12.82 -9.48 -14.65
N CYS A 25 -11.52 -9.15 -14.59
CA CYS A 25 -10.88 -8.29 -15.56
C CYS A 25 -10.85 -8.97 -16.93
N ILE A 26 -11.30 -8.28 -17.98
CA ILE A 26 -11.33 -8.86 -19.35
C ILE A 26 -9.96 -9.17 -19.98
N VAL A 27 -8.92 -8.42 -19.58
CA VAL A 27 -7.58 -8.60 -20.14
C VAL A 27 -6.83 -9.80 -19.53
N CYS A 28 -6.66 -9.79 -18.21
CA CYS A 28 -5.81 -10.77 -17.52
C CYS A 28 -6.54 -11.81 -16.65
N LYS A 29 -7.87 -11.68 -16.55
CA LYS A 29 -8.74 -12.59 -15.76
C LYS A 29 -8.63 -12.56 -14.23
N ARG A 30 -7.97 -11.59 -13.63
CA ARG A 30 -7.93 -11.50 -12.17
C ARG A 30 -9.34 -11.24 -11.61
N SER A 31 -9.64 -11.76 -10.42
CA SER A 31 -10.97 -11.54 -9.86
C SER A 31 -10.98 -10.60 -8.64
N TYR A 32 -12.07 -9.83 -8.53
CA TYR A 32 -12.16 -8.81 -7.49
C TYR A 32 -13.48 -8.86 -6.77
N VAL A 33 -13.43 -8.73 -5.45
CA VAL A 33 -14.64 -8.76 -4.65
C VAL A 33 -15.45 -7.47 -4.82
N CYS A 34 -14.79 -6.38 -5.23
CA CYS A 34 -15.49 -5.12 -5.51
C CYS A 34 -15.04 -4.45 -6.83
N LEU A 35 -15.98 -3.73 -7.45
CA LEU A 35 -15.72 -2.99 -8.69
C LEU A 35 -14.70 -1.87 -8.58
N THR A 36 -14.64 -1.20 -7.43
CA THR A 36 -13.60 -0.17 -7.20
C THR A 36 -12.18 -0.74 -7.38
N SER A 37 -11.90 -1.89 -6.76
CA SER A 37 -10.61 -2.57 -6.95
C SER A 37 -10.33 -2.90 -8.42
N LEU A 38 -11.33 -3.38 -9.14
CA LEU A 38 -11.13 -3.70 -10.54
C LEU A 38 -10.75 -2.47 -11.36
N ARG A 39 -11.48 -1.36 -11.20
CA ARG A 39 -11.11 -0.09 -11.84
C ARG A 39 -9.68 0.31 -11.49
N ARG A 40 -9.35 0.29 -10.19
CA ARG A 40 -8.02 0.66 -9.75
C ARG A 40 -6.97 -0.20 -10.47
N HIS A 41 -7.20 -1.51 -10.51
CA HIS A 41 -6.30 -2.43 -11.18
C HIS A 41 -6.22 -2.22 -12.69
N PHE A 42 -7.33 -1.85 -13.29
CA PHE A 42 -7.42 -1.81 -14.75
C PHE A 42 -6.51 -0.75 -15.37
N ASN A 43 -6.21 0.29 -14.59
CA ASN A 43 -5.31 1.33 -15.06
C ASN A 43 -3.94 0.79 -15.45
N ILE A 44 -3.56 -0.37 -14.91
CA ILE A 44 -2.31 -1.03 -15.32
C ILE A 44 -2.34 -1.45 -16.78
N HIS A 45 -3.54 -1.70 -17.32
CA HIS A 45 -3.69 -2.09 -18.71
C HIS A 45 -3.92 -0.87 -19.62
N SER A 46 -4.69 0.10 -19.15
CA SER A 46 -5.17 1.18 -20.01
C SER A 46 -4.29 2.43 -19.98
N TRP A 47 -3.53 2.62 -18.91
CA TRP A 47 -2.68 3.79 -18.73
C TRP A 47 -3.43 5.10 -19.00
N GLU A 48 -4.73 5.10 -18.72
CA GLU A 48 -5.58 6.28 -18.85
C GLU A 48 -5.13 7.36 -17.87
N LYS A 49 -4.86 6.96 -16.64
CA LYS A 49 -4.30 7.88 -15.66
C LYS A 49 -2.81 7.62 -15.47
N LYS A 50 -2.06 8.70 -15.25
CA LYS A 50 -0.63 8.63 -15.04
C LYS A 50 -0.30 9.10 -13.64
N TYR A 51 0.62 8.41 -12.96
CA TYR A 51 1.04 8.86 -11.64
C TYR A 51 2.55 9.10 -11.57
N PRO A 52 3.01 10.26 -12.05
CA PRO A 52 4.45 10.59 -12.07
C PRO A 52 5.01 11.01 -10.73
N CYS A 53 6.19 10.50 -10.41
CA CYS A 53 6.98 10.95 -9.28
C CYS A 53 7.30 12.43 -9.49
N ARG A 54 7.16 13.24 -8.44
CA ARG A 54 7.49 14.67 -8.61
C ARG A 54 9.00 14.95 -8.37
N TYR A 55 9.75 13.89 -8.08
CA TYR A 55 11.18 13.95 -7.78
C TYR A 55 12.08 13.33 -8.85
N CYS A 56 11.53 12.44 -9.68
CA CYS A 56 12.31 11.83 -10.77
C CYS A 56 11.46 11.46 -11.99
N GLU A 57 12.00 10.61 -12.86
CA GLU A 57 11.33 10.27 -14.12
C GLU A 57 10.31 9.13 -14.03
N LYS A 58 10.21 8.47 -12.88
CA LYS A 58 9.30 7.32 -12.82
C LYS A 58 7.82 7.67 -12.87
N VAL A 59 7.08 6.81 -13.54
CA VAL A 59 5.63 6.96 -13.72
C VAL A 59 4.99 5.65 -13.26
N PHE A 60 3.92 5.76 -12.48
CA PHE A 60 3.30 4.61 -11.82
C PHE A 60 1.86 4.41 -12.24
N PRO A 61 1.40 3.14 -12.33
CA PRO A 61 0.02 2.91 -12.71
C PRO A 61 -0.99 3.09 -11.57
N LEU A 62 -0.54 3.23 -10.32
CA LEU A 62 -1.44 3.47 -9.17
C LEU A 62 -0.92 4.62 -8.29
N ALA A 63 -1.83 5.44 -7.79
CA ALA A 63 -1.47 6.52 -6.89
C ALA A 63 -0.67 6.03 -5.66
N GLU A 64 -1.12 4.96 -5.02
CA GLU A 64 -0.40 4.48 -3.81
C GLU A 64 1.04 4.08 -4.12
N TYR A 65 1.31 3.52 -5.30
CA TYR A 65 2.68 3.12 -5.65
C TYR A 65 3.61 4.35 -5.73
N ARG A 66 3.10 5.44 -6.33
CA ARG A 66 3.87 6.66 -6.43
C ARG A 66 4.14 7.25 -5.04
N THR A 67 3.12 7.27 -4.19
CA THR A 67 3.33 7.75 -2.83
C THR A 67 4.43 6.99 -2.10
N LYS A 68 4.41 5.66 -2.17
CA LYS A 68 5.42 4.89 -1.46
C LYS A 68 6.77 5.21 -2.05
N HIS A 69 6.83 5.32 -3.36
CA HIS A 69 8.07 5.67 -4.03
C HIS A 69 8.60 7.03 -3.60
N GLU A 70 7.73 8.02 -3.48
CA GLU A 70 8.17 9.36 -3.11
C GLU A 70 8.65 9.45 -1.67
N ILE A 71 8.13 8.58 -0.78
CA ILE A 71 8.65 8.48 0.58
C ILE A 71 10.08 7.97 0.57
N HIS A 72 10.43 7.06 -0.31
CA HIS A 72 11.82 6.69 -0.45
C HIS A 72 12.73 7.88 -0.73
N HIS A 73 12.28 8.80 -1.60
CA HIS A 73 13.08 9.99 -1.94
C HIS A 73 13.41 10.93 -0.73
N THR A 74 12.42 11.22 0.09
CA THR A 74 12.60 12.12 1.22
C THR A 74 13.31 11.48 2.43
N GLY A 75 13.30 10.15 2.52
CA GLY A 75 13.93 9.46 3.63
C GLY A 75 13.15 9.50 4.94
N GLU A 76 11.89 9.94 4.91
CA GLU A 76 11.04 9.99 6.09
C GLU A 76 10.82 8.55 6.64
N ARG A 77 11.00 8.38 7.95
CA ARG A 77 10.73 7.09 8.61
C ARG A 77 9.50 7.14 9.47
N ARG A 78 8.36 6.70 8.98
CA ARG A 78 7.09 6.85 9.72
C ARG A 78 6.75 5.76 10.77
N TYR A 79 7.35 4.58 10.63
CA TYR A 79 6.96 3.42 11.45
C TYR A 79 7.89 3.32 12.64
N GLN A 80 7.35 3.46 13.85
CA GLN A 80 8.22 3.36 14.99
C GLN A 80 7.93 2.18 15.90
N CYS A 81 8.95 1.36 16.18
CA CYS A 81 8.85 0.28 17.18
C CYS A 81 8.71 0.88 18.58
N LEU A 82 7.64 0.51 19.27
CA LEU A 82 7.35 1.05 20.60
C LEU A 82 8.16 0.38 21.71
N ALA A 83 8.74 -0.78 21.43
CA ALA A 83 9.57 -1.45 22.44
C ALA A 83 10.90 -0.72 22.64
N CYS A 84 11.52 -0.25 21.54
CA CYS A 84 12.86 0.38 21.65
C CYS A 84 13.05 1.74 20.99
N GLY A 85 12.07 2.23 20.24
CA GLY A 85 12.14 3.59 19.71
C GLY A 85 12.63 3.74 18.28
N LYS A 86 13.21 2.70 17.71
CA LYS A 86 13.71 2.72 16.36
C LYS A 86 12.65 2.89 15.31
N SER A 87 12.92 3.79 14.35
CA SER A 87 12.01 4.06 13.27
C SER A 87 12.41 3.37 11.98
N PHE A 88 11.46 3.22 11.06
CA PHE A 88 11.61 2.40 9.85
C PHE A 88 10.80 2.99 8.73
N ILE A 89 11.23 2.76 7.49
CA ILE A 89 10.55 3.42 6.37
C ILE A 89 9.20 2.81 6.00
N ASN A 90 8.98 1.54 6.29
CA ASN A 90 7.75 0.90 5.88
C ASN A 90 7.35 -0.25 6.84
N TYR A 91 6.19 -0.86 6.60
CA TYR A 91 5.68 -1.89 7.47
C TYR A 91 6.63 -3.11 7.51
N GLN A 92 7.14 -3.49 6.34
CA GLN A 92 7.98 -4.65 6.21
C GLN A 92 9.22 -4.60 7.09
N PHE A 93 9.91 -3.47 7.15
CA PHE A 93 11.07 -3.33 8.03
C PHE A 93 10.70 -3.25 9.47
N MET A 94 9.63 -2.52 9.78
CA MET A 94 9.12 -2.44 11.13
C MET A 94 8.81 -3.92 11.64
N SER A 95 8.05 -4.68 10.86
CA SER A 95 7.61 -6.01 11.23
C SER A 95 8.77 -7.00 11.34
N SER A 96 9.73 -6.90 10.44
CA SER A 96 10.86 -7.82 10.47
C SER A 96 11.75 -7.53 11.71
N HIS A 97 11.92 -6.25 12.04
CA HIS A 97 12.61 -5.87 13.25
C HIS A 97 11.96 -6.40 14.54
N ILE A 98 10.66 -6.19 14.69
CA ILE A 98 9.94 -6.63 15.87
C ILE A 98 9.99 -8.17 16.02
N LYS A 99 9.72 -8.92 14.95
CA LYS A 99 9.86 -10.40 15.01
C LYS A 99 11.24 -10.94 15.36
N SER A 100 12.29 -10.37 14.78
CA SER A 100 13.64 -10.90 15.03
C SER A 100 14.28 -10.36 16.30
N VAL A 101 14.04 -9.10 16.61
CA VAL A 101 14.68 -8.51 17.79
C VAL A 101 13.84 -8.71 19.06
N HIS A 102 12.53 -8.53 18.94
CA HIS A 102 11.67 -8.55 20.10
C HIS A 102 10.83 -9.84 20.28
N SER A 103 10.99 -10.81 19.37
CA SER A 103 10.13 -12.01 19.23
C SER A 103 8.64 -11.80 19.50
N GLN A 104 8.07 -10.82 18.81
CA GLN A 104 6.64 -10.53 18.93
C GLN A 104 6.11 -10.29 17.53
N ASP A 105 4.84 -10.51 17.34
CA ASP A 105 4.20 -10.27 16.04
C ASP A 105 3.38 -8.98 16.13
N PRO A 106 3.74 -7.96 15.32
CA PRO A 106 2.99 -6.69 15.36
C PRO A 106 1.58 -6.89 14.83
N SER A 107 1.37 -8.02 14.21
CA SER A 107 0.12 -8.40 13.57
C SER A 107 -1.02 -8.77 14.55
N GLY A 108 -1.05 -8.18 15.74
CA GLY A 108 -2.15 -8.39 16.71
C GLY A 108 -1.62 -8.99 18.01
N ASP A 109 -1.85 -8.37 19.18
CA ASP A 109 -3.08 -7.61 19.49
C ASP A 109 -3.05 -6.61 20.69
N SER A 110 -1.98 -5.93 21.14
CA SER A 110 -0.78 -5.28 20.51
C SER A 110 -0.67 -4.90 19.05
N LYS A 111 -0.55 -3.60 18.70
CA LYS A 111 -0.19 -2.39 19.53
C LYS A 111 1.32 -2.21 19.81
N LEU A 112 2.16 -2.69 18.89
CA LEU A 112 3.61 -2.73 19.08
C LEU A 112 4.36 -1.69 18.23
N TYR A 113 3.65 -1.03 17.32
CA TYR A 113 4.26 0.05 16.56
C TYR A 113 3.34 1.27 16.47
N ARG A 114 3.94 2.42 16.18
CA ARG A 114 3.22 3.65 15.88
CA ARG A 114 3.19 3.61 15.86
C ARG A 114 3.47 4.00 14.42
N LEU A 115 2.42 4.30 13.66
CA LEU A 115 2.57 4.89 12.32
C LEU A 115 2.37 6.40 12.47
N HIS A 116 3.46 7.17 12.29
CA HIS A 116 3.38 8.63 12.37
C HIS A 116 2.67 9.23 11.14
N PRO A 117 1.99 10.37 11.31
CA PRO A 117 1.51 11.08 10.12
C PRO A 117 2.67 11.35 9.14
N CYS A 118 2.36 11.41 7.84
CA CYS A 118 3.35 11.78 6.84
C CYS A 118 3.61 13.29 6.86
N ARG A 119 4.79 13.72 7.29
CA ARG A 119 5.14 15.17 7.32
C ARG A 119 6.08 15.67 6.21
N SER A 120 6.69 14.77 5.46
CA SER A 120 7.79 15.12 4.57
C SER A 120 7.25 15.50 3.22
N LEU A 121 5.99 15.14 2.99
CA LEU A 121 5.19 15.68 1.90
C LEU A 121 3.70 15.65 2.29
N GLN A 122 2.87 16.12 1.39
CA GLN A 122 1.47 16.28 1.70
C GLN A 122 0.65 15.20 1.05
N ILE A 123 0.21 14.23 1.87
CA ILE A 123 -0.81 13.25 1.46
C ILE A 123 -2.09 13.53 2.24
N ARG A 124 -3.15 12.75 2.03
CA ARG A 124 -4.36 13.01 2.82
C ARG A 124 -4.21 12.37 4.24
N GLN A 125 -4.74 13.07 5.25
CA GLN A 125 -4.81 12.55 6.63
C GLN A 125 -6.27 12.65 7.13
N TYR A 126 -6.85 11.62 7.79
CA TYR A 126 -6.25 10.40 8.43
C TYR A 126 -5.77 10.67 9.86
#